data_4IK0
#
_entry.id   4IK0
#
_cell.length_a   89.180
_cell.length_b   89.180
_cell.length_c   179.450
_cell.angle_alpha   90.000
_cell.angle_beta   90.000
_cell.angle_gamma   90.000
#
_symmetry.space_group_name_H-M   'P 41 21 2'
#
loop_
_entity.id
_entity.type
_entity.pdbx_description
1 polymer 'Diaminopimelate epimerase'
2 non-polymer 'IODIDE ION'
3 water water
#
_entity_poly.entity_id   1
_entity_poly.type   'polypeptide(L)'
_entity_poly.pdbx_seq_one_letter_code
;MQFSKMHGLGNDFMVVDAVTQNVFFSPELIRRLADRHLGVGFDQLLVVEPPYDPELDFHYRIFNADGSEVAQCGNGARCF
ARFVRLKGLTNKRDIRVSTANGRMVLTVTDDDLVRVNMGEPNFEPSAVPFRANKAEKTYIMRAAEQTILCGVVSMGNPHC
VIQVDDVDTAAVETLGPVLESHERFPERANIGFMQVVKREHIRLRVYERGAGETQACGSGACAAVAVGIQQGLLAEEVRV
ELPGGRLDIAWKGPGHPLYMTGPAVHVADGFIHLHHHHHH
;
_entity_poly.pdbx_strand_id   A,B
#
loop_
_chem_comp.id
_chem_comp.type
_chem_comp.name
_chem_comp.formula
IOD non-polymer 'IODIDE ION' 'I -1'
#
# COMPACT_ATOMS: atom_id res chain seq x y z
N MET A 1 9.51 -14.61 12.63
CA MET A 1 9.23 -15.22 11.30
C MET A 1 9.88 -14.40 10.19
N GLN A 2 10.72 -15.06 9.43
CA GLN A 2 11.31 -14.48 8.25
C GLN A 2 10.38 -14.55 7.09
N PHE A 3 10.52 -13.59 6.18
CA PHE A 3 9.73 -13.55 4.98
C PHE A 3 10.51 -12.75 3.95
N SER A 4 10.03 -12.82 2.73
CA SER A 4 10.52 -11.98 1.62
C SER A 4 9.35 -11.23 1.00
N LYS A 5 9.66 -10.07 0.47
CA LYS A 5 8.68 -9.30 -0.25
C LYS A 5 9.07 -9.42 -1.71
N MET A 6 8.12 -9.75 -2.54
CA MET A 6 8.36 -10.00 -3.97
C MET A 6 7.20 -9.47 -4.79
N HIS A 7 7.39 -9.25 -6.09
CA HIS A 7 6.27 -8.95 -7.00
C HIS A 7 6.52 -9.56 -8.35
N GLY A 8 5.43 -9.91 -9.01
CA GLY A 8 5.45 -10.38 -10.39
C GLY A 8 4.73 -9.28 -11.12
N LEU A 9 5.47 -8.45 -11.85
CA LEU A 9 4.87 -7.31 -12.55
C LEU A 9 3.91 -6.47 -11.69
N GLY A 10 4.30 -6.20 -10.42
CA GLY A 10 3.51 -5.26 -9.61
C GLY A 10 2.52 -6.00 -8.75
N ASN A 11 2.33 -7.29 -9.04
CA ASN A 11 1.44 -8.10 -8.20
C ASN A 11 2.21 -8.57 -7.00
N ASP A 12 1.97 -8.02 -5.79
CA ASP A 12 2.96 -8.22 -4.71
C ASP A 12 2.57 -9.27 -3.69
N PHE A 13 3.62 -9.86 -3.13
CA PHE A 13 3.49 -11.01 -2.25
C PHE A 13 4.42 -10.85 -1.05
N MET A 14 3.90 -11.26 0.10
CA MET A 14 4.77 -11.71 1.20
C MET A 14 4.97 -13.22 1.01
N VAL A 15 6.21 -13.70 1.03
CA VAL A 15 6.50 -15.10 0.76
C VAL A 15 7.20 -15.63 2.01
N VAL A 16 6.76 -16.79 2.49
CA VAL A 16 7.34 -17.37 3.70
C VAL A 16 7.75 -18.83 3.54
N ASP A 17 8.94 -19.13 4.06
CA ASP A 17 9.52 -20.45 4.12
C ASP A 17 8.88 -21.18 5.30
N ALA A 18 7.90 -22.05 5.04
CA ALA A 18 7.41 -22.92 6.13
C ALA A 18 7.99 -24.32 5.97
N VAL A 19 9.13 -24.44 5.28
CA VAL A 19 9.86 -25.72 5.18
C VAL A 19 10.91 -25.82 6.31
N THR A 20 11.70 -24.77 6.50
CA THR A 20 12.76 -24.78 7.51
C THR A 20 12.40 -24.02 8.81
N GLN A 21 11.23 -23.39 8.80
CA GLN A 21 10.72 -22.62 9.94
C GLN A 21 9.35 -23.19 10.37
N ASN A 22 9.05 -23.08 11.65
CA ASN A 22 7.70 -23.35 12.12
C ASN A 22 6.95 -22.04 11.95
N VAL A 23 5.96 -22.01 11.06
CA VAL A 23 5.25 -20.77 10.78
C VAL A 23 3.76 -21.00 11.04
N PHE A 24 3.09 -20.14 11.80
CA PHE A 24 1.67 -20.36 12.11
C PHE A 24 0.82 -19.16 11.65
N PHE A 25 -0.33 -19.41 11.02
CA PHE A 25 -1.26 -18.31 10.64
C PHE A 25 -2.69 -18.50 11.16
N SER A 26 -3.40 -17.39 11.24
CA SER A 26 -4.83 -17.40 11.46
C SER A 26 -5.39 -16.42 10.42
N PRO A 27 -6.72 -16.48 10.13
CA PRO A 27 -7.23 -15.49 9.17
C PRO A 27 -6.96 -14.05 9.63
N GLU A 28 -7.19 -13.81 10.92
CA GLU A 28 -6.94 -12.48 11.48
C GLU A 28 -5.51 -11.99 11.37
N LEU A 29 -4.54 -12.86 11.68
CA LEU A 29 -3.13 -12.51 11.52
C LEU A 29 -2.78 -12.12 10.07
N ILE A 30 -3.29 -12.88 9.10
CA ILE A 30 -3.05 -12.57 7.69
C ILE A 30 -3.61 -11.18 7.38
N ARG A 31 -4.83 -10.90 7.86
CA ARG A 31 -5.43 -9.57 7.62
C ARG A 31 -4.55 -8.44 8.17
N ARG A 32 -4.06 -8.63 9.38
CA ARG A 32 -3.16 -7.64 9.99
C ARG A 32 -1.84 -7.48 9.21
N LEU A 33 -1.20 -8.59 8.86
CA LEU A 33 0.04 -8.53 8.11
C LEU A 33 -0.13 -7.92 6.72
N ALA A 34 -1.27 -8.15 6.05
CA ALA A 34 -1.52 -7.57 4.73
C ALA A 34 -1.68 -6.05 4.78
N ASP A 35 -2.09 -5.55 5.93
CA ASP A 35 -2.41 -4.13 6.06
C ASP A 35 -1.17 -3.31 5.76
N ARG A 36 -1.31 -2.39 4.82
CA ARG A 36 -0.12 -1.68 4.32
C ARG A 36 0.49 -0.72 5.36
N HIS A 37 -0.32 -0.20 6.28
CA HIS A 37 0.20 0.66 7.34
C HIS A 37 0.58 -0.03 8.63
N LEU A 38 -0.17 -1.07 9.01
CA LEU A 38 -0.04 -1.69 10.32
C LEU A 38 0.75 -2.99 10.21
N GLY A 39 0.94 -3.47 8.99
CA GLY A 39 1.61 -4.75 8.78
C GLY A 39 2.75 -4.63 7.77
N VAL A 40 3.03 -5.71 7.08
CA VAL A 40 4.07 -5.75 6.02
C VAL A 40 3.53 -5.11 4.71
N GLY A 41 2.26 -5.41 4.36
CA GLY A 41 1.68 -4.83 3.15
C GLY A 41 1.87 -5.79 1.97
N PHE A 42 0.77 -6.35 1.46
CA PHE A 42 0.82 -7.20 0.28
C PHE A 42 -0.58 -7.46 -0.23
N ASP A 43 -0.68 -7.85 -1.50
CA ASP A 43 -1.94 -8.35 -2.05
C ASP A 43 -2.21 -9.79 -1.61
N GLN A 44 -1.16 -10.62 -1.60
CA GLN A 44 -1.37 -12.03 -1.27
C GLN A 44 -0.17 -12.57 -0.49
N LEU A 45 -0.43 -13.61 0.30
CA LEU A 45 0.58 -14.29 1.07
C LEU A 45 0.83 -15.68 0.45
N LEU A 46 2.10 -15.99 0.25
CA LEU A 46 2.47 -17.25 -0.41
C LEU A 46 3.29 -18.04 0.61
N VAL A 47 2.80 -19.21 1.00
CA VAL A 47 3.49 -20.00 2.00
C VAL A 47 4.07 -21.26 1.32
N VAL A 48 5.39 -21.43 1.44
CA VAL A 48 6.10 -22.53 0.81
C VAL A 48 6.23 -23.68 1.82
N GLU A 49 5.83 -24.87 1.38
CA GLU A 49 5.70 -26.03 2.28
C GLU A 49 6.36 -27.28 1.74
N PRO A 50 6.63 -28.25 2.64
CA PRO A 50 7.17 -29.53 2.17
C PRO A 50 6.14 -30.26 1.32
N PRO A 51 6.64 -31.23 0.53
CA PRO A 51 5.76 -31.87 -0.45
C PRO A 51 4.97 -33.06 0.10
N TYR A 52 5.47 -33.70 1.17
CA TYR A 52 4.94 -35.00 1.63
C TYR A 52 4.80 -36.06 0.53
N ASP A 53 5.69 -36.04 -0.45
CA ASP A 53 5.60 -36.89 -1.64
C ASP A 53 6.93 -36.84 -2.35
N PRO A 54 7.61 -37.99 -2.51
CA PRO A 54 8.91 -37.89 -3.19
C PRO A 54 8.84 -37.64 -4.71
N GLU A 55 7.65 -37.57 -5.30
CA GLU A 55 7.59 -37.07 -6.68
C GLU A 55 7.41 -35.55 -6.76
N LEU A 56 7.49 -34.85 -5.63
CA LEU A 56 7.37 -33.40 -5.60
C LEU A 56 8.48 -32.74 -4.77
N ASP A 57 8.79 -31.50 -5.10
CA ASP A 57 9.76 -30.69 -4.35
C ASP A 57 9.13 -29.84 -3.28
N PHE A 58 7.97 -29.26 -3.59
CA PHE A 58 7.33 -28.39 -2.64
C PHE A 58 5.80 -28.46 -2.83
N HIS A 59 5.06 -28.04 -1.81
CA HIS A 59 3.71 -27.56 -1.96
C HIS A 59 3.71 -26.06 -1.69
N TYR A 60 2.79 -25.31 -2.30
CA TYR A 60 2.53 -23.95 -1.82
C TYR A 60 1.04 -23.58 -1.78
N ARG A 61 0.73 -22.72 -0.83
CA ARG A 61 -0.60 -22.20 -0.83
C ARG A 61 -0.59 -20.67 -0.77
N ILE A 62 -1.69 -20.10 -1.20
CA ILE A 62 -1.77 -18.66 -1.29
C ILE A 62 -3.00 -18.15 -0.56
N PHE A 63 -2.81 -17.10 0.24
CA PHE A 63 -3.94 -16.45 0.88
C PHE A 63 -4.07 -15.03 0.37
N ASN A 64 -5.31 -14.57 0.19
CA ASN A 64 -5.53 -13.17 -0.09
C ASN A 64 -5.49 -12.27 1.16
N ALA A 65 -5.57 -10.96 0.95
CA ALA A 65 -5.53 -10.02 2.07
C ALA A 65 -6.72 -10.13 3.08
N ASP A 66 -7.82 -10.78 2.69
CA ASP A 66 -8.91 -11.10 3.66
C ASP A 66 -8.58 -12.30 4.53
N GLY A 67 -7.49 -12.98 4.22
CA GLY A 67 -7.10 -14.15 4.96
C GLY A 67 -7.67 -15.46 4.43
N SER A 68 -8.28 -15.46 3.26
CA SER A 68 -8.75 -16.74 2.72
C SER A 68 -7.87 -17.33 1.60
N GLU A 69 -7.92 -18.65 1.47
CA GLU A 69 -7.08 -19.30 0.47
C GLU A 69 -7.52 -19.04 -0.97
N VAL A 70 -6.56 -18.83 -1.87
CA VAL A 70 -6.84 -18.53 -3.27
C VAL A 70 -6.40 -19.73 -4.08
N ALA A 71 -7.21 -20.09 -5.07
CA ALA A 71 -6.86 -21.14 -6.02
C ALA A 71 -7.03 -20.64 -7.46
N GLN A 72 -6.03 -19.92 -7.99
CA GLN A 72 -6.07 -19.47 -9.39
C GLN A 72 -4.85 -20.02 -10.13
N CYS A 73 -5.03 -20.57 -11.33
CA CYS A 73 -3.89 -21.17 -12.05
C CYS A 73 -2.75 -20.17 -12.32
N GLY A 74 -1.53 -20.58 -11.99
CA GLY A 74 -0.31 -19.78 -12.25
C GLY A 74 -0.03 -18.68 -11.22
N ASN A 75 -0.99 -18.48 -10.30
CA ASN A 75 -0.97 -17.40 -9.33
C ASN A 75 0.24 -17.59 -8.43
N GLY A 76 1.12 -16.57 -8.33
CA GLY A 76 2.32 -16.65 -7.45
C GLY A 76 3.44 -17.57 -7.90
N ALA A 77 3.28 -18.25 -9.04
CA ALA A 77 4.21 -19.35 -9.40
C ALA A 77 5.64 -18.89 -9.62
N ARG A 78 5.80 -17.71 -10.21
CA ARG A 78 7.12 -17.20 -10.55
C ARG A 78 7.79 -16.67 -9.30
N CYS A 79 7.06 -15.95 -8.45
CA CYS A 79 7.70 -15.57 -7.15
C CYS A 79 8.11 -16.82 -6.33
N PHE A 80 7.23 -17.82 -6.31
CA PHE A 80 7.53 -19.08 -5.61
C PHE A 80 8.86 -19.66 -6.10
N ALA A 81 9.01 -19.74 -7.43
CA ALA A 81 10.14 -20.44 -7.98
C ALA A 81 11.43 -19.71 -7.71
N ARG A 82 11.45 -18.39 -7.89
CA ARG A 82 12.70 -17.65 -7.57
C ARG A 82 12.91 -17.64 -6.08
N PHE A 83 11.83 -17.57 -5.26
CA PHE A 83 12.03 -17.62 -3.82
C PHE A 83 12.80 -18.90 -3.39
N VAL A 84 12.29 -20.06 -3.80
CA VAL A 84 12.95 -21.30 -3.33
C VAL A 84 14.42 -21.37 -3.77
N ARG A 85 14.74 -20.80 -4.93
CA ARG A 85 16.13 -20.79 -5.41
C ARG A 85 16.97 -19.75 -4.66
N LEU A 86 16.43 -18.56 -4.48
CA LEU A 86 17.17 -17.47 -3.85
C LEU A 86 17.47 -17.83 -2.40
N LYS A 87 16.52 -18.52 -1.76
CA LYS A 87 16.70 -18.91 -0.36
C LYS A 87 17.51 -20.21 -0.22
N GLY A 88 17.91 -20.85 -1.30
CA GLY A 88 18.73 -22.10 -1.15
C GLY A 88 17.87 -23.28 -0.70
N LEU A 89 16.53 -23.17 -0.80
CA LEU A 89 15.67 -24.33 -0.43
C LEU A 89 15.72 -25.43 -1.48
N THR A 90 15.99 -25.04 -2.74
CA THR A 90 16.34 -25.98 -3.80
C THR A 90 17.31 -25.29 -4.77
N ASN A 91 17.99 -26.09 -5.58
CA ASN A 91 18.85 -25.59 -6.64
C ASN A 91 18.38 -26.12 -7.99
N LYS A 92 17.18 -26.68 -8.05
CA LYS A 92 16.72 -27.30 -9.26
C LYS A 92 16.32 -26.23 -10.30
N ARG A 93 16.60 -26.49 -11.56
CA ARG A 93 16.14 -25.64 -12.68
C ARG A 93 14.64 -25.90 -12.92
N ASP A 94 14.23 -27.17 -12.86
CA ASP A 94 12.86 -27.64 -13.04
C ASP A 94 12.32 -28.07 -11.69
N ILE A 95 11.33 -27.36 -11.19
CA ILE A 95 10.87 -27.56 -9.80
C ILE A 95 9.47 -28.11 -9.83
N ARG A 96 9.27 -29.24 -9.16
CA ARG A 96 7.95 -29.89 -9.13
C ARG A 96 7.15 -29.45 -7.93
N VAL A 97 5.95 -28.93 -8.17
CA VAL A 97 5.19 -28.40 -7.04
C VAL A 97 3.75 -28.84 -7.12
N SER A 98 3.12 -28.93 -5.96
CA SER A 98 1.67 -29.15 -5.91
C SER A 98 1.10 -27.86 -5.36
N THR A 99 -0.11 -27.51 -5.81
CA THR A 99 -0.77 -26.27 -5.38
C THR A 99 -2.26 -26.59 -5.22
N ALA A 100 -3.06 -25.58 -4.94
CA ALA A 100 -4.51 -25.75 -4.86
C ALA A 100 -5.12 -26.07 -6.22
N ASN A 101 -4.36 -25.88 -7.30
CA ASN A 101 -4.82 -26.22 -8.67
C ASN A 101 -4.19 -27.49 -9.29
N GLY A 102 -3.59 -28.35 -8.47
CA GLY A 102 -2.95 -29.56 -8.98
C GLY A 102 -1.43 -29.46 -8.95
N ARG A 103 -0.78 -30.20 -9.83
CA ARG A 103 0.70 -30.26 -9.82
C ARG A 103 1.24 -29.61 -11.05
N MET A 104 2.44 -29.06 -10.99
CA MET A 104 3.10 -28.70 -12.25
C MET A 104 4.58 -28.63 -12.03
N VAL A 105 5.29 -28.39 -13.12
CA VAL A 105 6.73 -28.23 -13.11
C VAL A 105 7.01 -26.81 -13.56
N LEU A 106 7.77 -26.09 -12.76
CA LEU A 106 8.15 -24.71 -13.06
C LEU A 106 9.61 -24.71 -13.46
N THR A 107 9.97 -23.93 -14.47
CA THR A 107 11.34 -23.86 -14.94
C THR A 107 11.95 -22.47 -14.75
N VAL A 108 13.09 -22.41 -14.07
CA VAL A 108 13.79 -21.14 -13.86
C VAL A 108 14.82 -21.02 -14.98
N THR A 109 14.72 -20.00 -15.83
CA THR A 109 15.59 -19.88 -17.04
C THR A 109 16.98 -19.30 -16.71
N ASP A 110 17.87 -19.33 -17.70
CA ASP A 110 19.21 -18.79 -17.55
C ASP A 110 19.17 -17.28 -17.26
N ASP A 111 18.11 -16.60 -17.66
CA ASP A 111 18.07 -15.16 -17.38
C ASP A 111 17.22 -14.81 -16.18
N ASP A 112 17.04 -15.78 -15.30
CA ASP A 112 16.29 -15.63 -14.03
C ASP A 112 14.82 -15.30 -14.25
N LEU A 113 14.27 -15.77 -15.36
CA LEU A 113 12.82 -15.72 -15.54
C LEU A 113 12.27 -17.07 -15.18
N VAL A 114 10.94 -17.15 -15.11
CA VAL A 114 10.29 -18.39 -14.75
C VAL A 114 9.26 -18.74 -15.84
N ARG A 115 9.31 -19.97 -16.31
CA ARG A 115 8.37 -20.44 -17.31
C ARG A 115 7.34 -21.30 -16.60
N VAL A 116 6.08 -20.92 -16.80
CA VAL A 116 4.94 -21.60 -16.19
C VAL A 116 4.16 -22.30 -17.29
N ASN A 117 3.86 -23.58 -17.07
CA ASN A 117 2.94 -24.36 -17.92
C ASN A 117 1.53 -24.02 -17.48
N MET A 118 0.83 -23.22 -18.27
CA MET A 118 -0.53 -22.79 -17.90
C MET A 118 -1.61 -23.75 -18.40
N GLY A 119 -1.20 -24.94 -18.88
CA GLY A 119 -2.12 -25.95 -19.44
C GLY A 119 -2.61 -25.59 -20.84
N GLU A 120 -3.44 -26.43 -21.44
CA GLU A 120 -4.04 -26.13 -22.75
C GLU A 120 -5.23 -25.18 -22.65
N PRO A 121 -5.22 -24.06 -23.42
CA PRO A 121 -6.39 -23.14 -23.48
C PRO A 121 -7.68 -23.90 -23.86
N ASN A 122 -8.80 -23.61 -23.21
CA ASN A 122 -10.02 -24.35 -23.51
C ASN A 122 -11.00 -23.35 -24.14
N PHE A 123 -11.25 -23.52 -25.43
CA PHE A 123 -12.12 -22.61 -26.21
C PHE A 123 -13.60 -22.98 -26.18
N GLU A 124 -13.93 -24.08 -25.52
CA GLU A 124 -15.29 -24.57 -25.41
C GLU A 124 -16.17 -23.61 -24.60
N PRO A 125 -17.29 -23.13 -25.17
CA PRO A 125 -18.01 -22.06 -24.47
C PRO A 125 -18.50 -22.48 -23.08
N SER A 126 -19.00 -23.72 -22.98
CA SER A 126 -19.51 -24.21 -21.71
C SER A 126 -18.42 -24.29 -20.63
N ALA A 127 -17.15 -24.31 -21.04
CA ALA A 127 -16.05 -24.38 -20.08
C ALA A 127 -15.62 -23.00 -19.56
N VAL A 128 -16.11 -21.93 -20.20
CA VAL A 128 -15.62 -20.63 -19.85
C VAL A 128 -16.01 -20.14 -18.43
N PRO A 129 -17.33 -20.05 -18.10
CA PRO A 129 -18.54 -20.19 -18.96
C PRO A 129 -18.86 -18.94 -19.84
N PHE A 130 -19.40 -19.23 -21.04
CA PHE A 130 -19.79 -18.22 -22.04
C PHE A 130 -20.99 -18.77 -22.80
N ARG A 131 -22.05 -17.99 -22.89
CA ARG A 131 -23.22 -18.38 -23.70
C ARG A 131 -22.98 -18.09 -25.20
N ALA A 132 -23.01 -19.15 -26.03
CA ALA A 132 -22.92 -19.07 -27.50
C ALA A 132 -23.48 -20.35 -28.10
N ASN A 133 -23.55 -20.45 -29.42
CA ASN A 133 -24.14 -21.64 -30.01
C ASN A 133 -23.14 -22.78 -30.09
N LYS A 134 -21.88 -22.41 -30.37
CA LYS A 134 -20.75 -23.34 -30.43
C LYS A 134 -19.43 -22.58 -30.41
N ALA A 135 -18.31 -23.30 -30.27
CA ALA A 135 -16.97 -22.68 -30.29
C ALA A 135 -16.73 -22.06 -31.68
N GLU A 136 -16.31 -20.79 -31.66
CA GLU A 136 -16.04 -20.03 -32.87
C GLU A 136 -14.73 -19.28 -32.66
N LYS A 137 -13.98 -19.04 -33.73
CA LYS A 137 -12.74 -18.26 -33.65
C LYS A 137 -13.05 -16.81 -33.26
N THR A 138 -14.15 -16.28 -33.80
CA THR A 138 -14.57 -14.89 -33.58
C THR A 138 -16.08 -14.83 -33.30
N TYR A 139 -16.48 -14.15 -32.23
CA TYR A 139 -17.89 -14.02 -31.90
C TYR A 139 -18.29 -12.59 -32.13
N ILE A 140 -19.56 -12.34 -32.45
CA ILE A 140 -20.07 -10.98 -32.44
C ILE A 140 -20.77 -10.82 -31.09
N MET A 141 -20.47 -9.75 -30.38
CA MET A 141 -21.15 -9.43 -29.12
C MET A 141 -21.70 -8.01 -29.23
N ARG A 142 -22.73 -7.71 -28.45
CA ARG A 142 -23.19 -6.34 -28.32
C ARG A 142 -22.85 -5.77 -26.93
N ALA A 143 -22.24 -4.59 -26.93
CA ALA A 143 -22.09 -3.83 -25.70
C ALA A 143 -22.82 -2.54 -25.94
N ALA A 144 -24.07 -2.53 -25.50
CA ALA A 144 -25.05 -1.48 -25.85
C ALA A 144 -25.02 -1.31 -27.38
N GLU A 145 -24.88 -0.08 -27.88
CA GLU A 145 -24.97 0.12 -29.32
C GLU A 145 -23.77 -0.38 -30.08
N GLN A 146 -22.68 -0.67 -29.38
CA GLN A 146 -21.43 -1.00 -30.05
C GLN A 146 -21.36 -2.47 -30.44
N THR A 147 -20.98 -2.74 -31.67
CA THR A 147 -20.72 -4.10 -32.09
C THR A 147 -19.27 -4.48 -31.73
N ILE A 148 -19.06 -5.63 -31.07
CA ILE A 148 -17.72 -6.06 -30.63
C ILE A 148 -17.38 -7.39 -31.33
N LEU A 149 -16.20 -7.49 -31.93
CA LEU A 149 -15.72 -8.80 -32.41
C LEU A 149 -14.70 -9.23 -31.37
N CYS A 150 -14.77 -10.48 -30.94
CA CYS A 150 -13.92 -10.97 -29.88
C CYS A 150 -13.67 -12.46 -30.01
N GLY A 151 -12.69 -12.94 -29.24
CA GLY A 151 -12.46 -14.36 -29.10
C GLY A 151 -12.66 -14.57 -27.63
N VAL A 152 -13.00 -15.80 -27.25
CA VAL A 152 -13.33 -16.11 -25.87
C VAL A 152 -12.65 -17.43 -25.51
N VAL A 153 -11.98 -17.51 -24.35
CA VAL A 153 -11.20 -18.69 -24.01
C VAL A 153 -11.11 -18.85 -22.51
N SER A 154 -10.96 -20.09 -22.05
CA SER A 154 -10.72 -20.32 -20.63
C SER A 154 -9.27 -20.67 -20.44
N MET A 155 -8.64 -20.01 -19.48
CA MET A 155 -7.28 -20.37 -19.00
C MET A 155 -7.34 -20.94 -17.58
N GLY A 156 -8.40 -21.67 -17.25
CA GLY A 156 -8.73 -21.96 -15.85
C GLY A 156 -9.72 -20.91 -15.35
N ASN A 157 -9.69 -19.74 -15.98
CA ASN A 157 -10.61 -18.64 -15.65
C ASN A 157 -11.07 -17.99 -16.97
N PRO A 158 -12.16 -17.18 -16.94
CA PRO A 158 -12.82 -16.73 -18.17
C PRO A 158 -12.23 -15.44 -18.79
N HIS A 159 -11.98 -15.46 -20.10
CA HIS A 159 -11.44 -14.30 -20.83
C HIS A 159 -12.20 -13.98 -22.08
N CYS A 160 -12.37 -12.69 -22.32
CA CYS A 160 -12.87 -12.16 -23.57
C CYS A 160 -11.83 -11.22 -24.17
N VAL A 161 -11.39 -11.49 -25.41
CA VAL A 161 -10.23 -10.81 -26.00
C VAL A 161 -10.68 -10.03 -27.26
N ILE A 162 -10.53 -8.70 -27.20
CA ILE A 162 -10.88 -7.81 -28.30
C ILE A 162 -9.66 -7.16 -28.95
N GLN A 163 -9.61 -7.20 -30.27
CA GLN A 163 -8.47 -6.57 -30.93
C GLN A 163 -8.73 -5.09 -31.07
N VAL A 164 -7.77 -4.25 -30.68
CA VAL A 164 -7.91 -2.81 -30.82
C VAL A 164 -6.80 -2.21 -31.69
N ASP A 165 -7.04 -1.02 -32.23
CA ASP A 165 -5.98 -0.31 -32.97
C ASP A 165 -4.82 0.13 -32.08
N ASP A 166 -5.13 0.54 -30.85
CA ASP A 166 -4.13 1.15 -29.95
C ASP A 166 -4.62 0.94 -28.53
N VAL A 167 -3.83 0.28 -27.68
CA VAL A 167 -4.34 0.03 -26.32
C VAL A 167 -4.58 1.33 -25.55
N ASP A 168 -3.82 2.38 -25.85
CA ASP A 168 -3.99 3.66 -25.14
C ASP A 168 -5.28 4.38 -25.48
N THR A 169 -5.89 4.09 -26.63
CA THR A 169 -7.18 4.72 -26.95
C THR A 169 -8.36 3.76 -26.73
N ALA A 170 -8.07 2.49 -26.46
CA ALA A 170 -9.14 1.51 -26.19
C ALA A 170 -10.04 2.02 -25.06
N ALA A 171 -11.34 1.78 -25.19
CA ALA A 171 -12.33 2.26 -24.21
C ALA A 171 -12.46 1.31 -23.01
N VAL A 172 -11.35 1.10 -22.32
CA VAL A 172 -11.30 0.11 -21.26
C VAL A 172 -12.28 0.44 -20.15
N GLU A 173 -12.33 1.71 -19.81
CA GLU A 173 -13.13 2.15 -18.68
C GLU A 173 -14.62 2.17 -18.96
N THR A 174 -15.01 2.13 -20.22
CA THR A 174 -16.45 2.05 -20.49
C THR A 174 -16.92 0.66 -20.98
N LEU A 175 -16.24 0.12 -22.00
CA LEU A 175 -16.51 -1.26 -22.45
C LEU A 175 -16.18 -2.32 -21.41
N GLY A 176 -15.05 -2.17 -20.72
CA GLY A 176 -14.63 -3.15 -19.70
C GLY A 176 -15.75 -3.54 -18.76
N PRO A 177 -16.36 -2.55 -18.07
CA PRO A 177 -17.45 -2.88 -17.13
C PRO A 177 -18.66 -3.54 -17.80
N VAL A 178 -18.99 -3.10 -18.99
CA VAL A 178 -20.19 -3.60 -19.68
C VAL A 178 -19.89 -5.04 -20.05
N LEU A 179 -18.70 -5.29 -20.60
CA LEU A 179 -18.37 -6.66 -20.99
C LEU A 179 -18.06 -7.59 -19.81
N GLU A 180 -17.42 -7.07 -18.75
CA GLU A 180 -17.01 -7.85 -17.57
C GLU A 180 -18.22 -8.54 -16.94
N SER A 181 -19.35 -7.85 -16.87
CA SER A 181 -20.55 -8.49 -16.33
C SER A 181 -21.68 -8.62 -17.33
N HIS A 182 -21.29 -8.81 -18.60
CA HIS A 182 -22.22 -9.18 -19.65
C HIS A 182 -23.03 -10.40 -19.29
N GLU A 183 -24.34 -10.32 -19.53
CA GLU A 183 -25.26 -11.45 -19.43
C GLU A 183 -24.70 -12.73 -20.06
N ARG A 184 -23.85 -12.62 -21.09
CA ARG A 184 -23.34 -13.83 -21.76
C ARG A 184 -22.23 -14.50 -20.97
N PHE A 185 -21.77 -13.82 -19.92
CA PHE A 185 -20.77 -14.45 -19.06
C PHE A 185 -21.41 -14.71 -17.70
N PRO A 186 -21.96 -15.93 -17.50
CA PRO A 186 -22.64 -16.20 -16.20
C PRO A 186 -21.75 -16.02 -14.96
N GLU A 187 -20.44 -16.19 -15.09
CA GLU A 187 -19.57 -15.94 -13.96
C GLU A 187 -18.62 -14.76 -14.17
N ARG A 188 -19.05 -13.82 -15.03
CA ARG A 188 -18.29 -12.65 -15.42
CA ARG A 188 -18.25 -12.63 -15.35
C ARG A 188 -17.03 -13.02 -16.19
N ALA A 189 -16.30 -12.03 -16.70
CA ALA A 189 -15.10 -12.34 -17.49
C ALA A 189 -14.02 -11.28 -17.33
N ASN A 190 -12.78 -11.72 -17.47
CA ASN A 190 -11.65 -10.80 -17.73
C ASN A 190 -11.66 -10.34 -19.18
N ILE A 191 -11.64 -9.03 -19.36
CA ILE A 191 -11.73 -8.46 -20.71
C ILE A 191 -10.37 -7.91 -21.13
N GLY A 192 -9.76 -8.54 -22.12
CA GLY A 192 -8.51 -8.04 -22.69
C GLY A 192 -8.67 -7.18 -23.94
N PHE A 193 -7.90 -6.11 -24.01
CA PHE A 193 -7.89 -5.21 -25.17
C PHE A 193 -6.51 -5.37 -25.74
N MET A 194 -6.42 -6.01 -26.90
CA MET A 194 -5.13 -6.42 -27.47
C MET A 194 -4.80 -5.63 -28.72
N GLN A 195 -3.67 -4.93 -28.72
CA GLN A 195 -3.17 -4.32 -29.93
C GLN A 195 -2.05 -5.16 -30.53
N VAL A 196 -2.24 -5.53 -31.80
CA VAL A 196 -1.21 -6.34 -32.48
C VAL A 196 -0.15 -5.42 -33.09
N VAL A 197 1.06 -5.39 -32.54
CA VAL A 197 2.14 -4.55 -33.08
C VAL A 197 2.79 -5.29 -34.23
N LYS A 198 3.16 -6.55 -33.98
CA LYS A 198 3.71 -7.46 -35.00
C LYS A 198 3.15 -8.82 -34.63
N ARG A 199 3.29 -9.79 -35.53
CA ARG A 199 2.95 -11.16 -35.17
C ARG A 199 3.62 -11.70 -33.88
N GLU A 200 4.79 -11.16 -33.55
CA GLU A 200 5.57 -11.57 -32.36
C GLU A 200 5.40 -10.60 -31.18
N HIS A 201 4.51 -9.64 -31.31
CA HIS A 201 4.46 -8.56 -30.32
C HIS A 201 3.12 -7.89 -30.15
N ILE A 202 2.54 -8.02 -28.96
CA ILE A 202 1.28 -7.32 -28.68
C ILE A 202 1.38 -6.41 -27.46
N ARG A 203 0.50 -5.42 -27.42
CA ARG A 203 0.32 -4.62 -26.25
C ARG A 203 -1.04 -4.99 -25.71
N LEU A 204 -1.19 -4.99 -24.40
CA LEU A 204 -2.39 -5.57 -23.79
C LEU A 204 -2.84 -4.77 -22.59
N ARG A 205 -4.12 -4.50 -22.52
CA ARG A 205 -4.71 -4.03 -21.28
C ARG A 205 -5.83 -4.97 -20.88
N VAL A 206 -5.98 -5.20 -19.56
CA VAL A 206 -6.97 -6.16 -19.05
C VAL A 206 -7.86 -5.55 -17.97
N TYR A 207 -9.18 -5.62 -18.21
CA TYR A 207 -10.14 -5.17 -17.22
C TYR A 207 -10.54 -6.44 -16.49
N GLU A 208 -10.05 -6.58 -15.27
CA GLU A 208 -10.19 -7.85 -14.57
C GLU A 208 -11.56 -8.09 -13.97
N ARG A 209 -11.96 -9.34 -14.01
CA ARG A 209 -13.14 -9.79 -13.29
C ARG A 209 -13.10 -9.33 -11.81
N GLY A 210 -14.16 -8.67 -11.37
CA GLY A 210 -14.27 -8.21 -10.00
C GLY A 210 -13.29 -7.15 -9.55
N ALA A 211 -12.36 -6.71 -10.42
CA ALA A 211 -11.31 -5.78 -9.99
C ALA A 211 -11.15 -4.54 -10.89
N GLY A 212 -11.51 -4.64 -12.15
CA GLY A 212 -11.25 -3.55 -13.08
C GLY A 212 -9.82 -3.59 -13.55
N GLU A 213 -9.32 -2.47 -14.05
CA GLU A 213 -8.05 -2.52 -14.75
C GLU A 213 -6.91 -2.71 -13.80
N THR A 214 -6.03 -3.62 -14.16
CA THR A 214 -4.85 -3.95 -13.41
C THR A 214 -3.59 -3.68 -14.25
N GLN A 215 -2.44 -3.58 -13.60
CA GLN A 215 -1.19 -3.36 -14.30
C GLN A 215 -0.65 -4.65 -15.01
N ALA A 216 -1.10 -5.81 -14.56
CA ALA A 216 -0.61 -7.07 -15.15
C ALA A 216 -1.49 -8.21 -14.69
N CYS A 217 -2.07 -8.92 -15.67
CA CYS A 217 -2.90 -10.11 -15.44
C CYS A 217 -2.28 -11.17 -16.39
N GLY A 218 -1.57 -12.13 -15.79
CA GLY A 218 -0.79 -13.12 -16.52
C GLY A 218 -1.70 -14.03 -17.32
N SER A 219 -2.76 -14.50 -16.65
CA SER A 219 -3.74 -15.32 -17.38
C SER A 219 -4.38 -14.56 -18.55
N GLY A 220 -4.55 -13.24 -18.43
CA GLY A 220 -5.06 -12.45 -19.58
C GLY A 220 -4.04 -12.41 -20.72
N ALA A 221 -2.77 -12.30 -20.39
CA ALA A 221 -1.74 -12.36 -21.45
C ALA A 221 -1.77 -13.69 -22.18
N CYS A 222 -1.94 -14.82 -21.45
CA CYS A 222 -2.01 -16.12 -22.09
C CYS A 222 -3.25 -16.16 -23.00
N ALA A 223 -4.37 -15.65 -22.50
CA ALA A 223 -5.63 -15.77 -23.26
C ALA A 223 -5.58 -14.94 -24.51
N ALA A 224 -5.03 -13.72 -24.43
CA ALA A 224 -4.95 -12.88 -25.65
C ALA A 224 -4.13 -13.57 -26.70
N VAL A 225 -2.99 -14.09 -26.29
CA VAL A 225 -2.10 -14.77 -27.23
C VAL A 225 -2.78 -16.06 -27.76
N ALA A 226 -3.43 -16.83 -26.88
CA ALA A 226 -4.19 -17.98 -27.35
C ALA A 226 -5.19 -17.57 -28.46
N VAL A 227 -5.99 -16.53 -28.17
CA VAL A 227 -7.02 -16.05 -29.13
C VAL A 227 -6.40 -15.55 -30.44
N GLY A 228 -5.35 -14.72 -30.32
CA GLY A 228 -4.63 -14.20 -31.48
C GLY A 228 -4.00 -15.28 -32.36
N ILE A 229 -3.44 -16.31 -31.73
CA ILE A 229 -2.94 -17.47 -32.45
C ILE A 229 -4.12 -18.12 -33.17
N GLN A 230 -5.20 -18.40 -32.45
CA GLN A 230 -6.33 -19.09 -33.09
C GLN A 230 -7.00 -18.28 -34.21
N GLN A 231 -7.01 -16.98 -34.07
CA GLN A 231 -7.55 -16.11 -35.11
C GLN A 231 -6.58 -15.89 -36.25
N GLY A 232 -5.44 -16.57 -36.26
CA GLY A 232 -4.46 -16.44 -37.35
C GLY A 232 -3.61 -15.17 -37.34
N LEU A 233 -3.59 -14.46 -36.20
CA LEU A 233 -2.95 -13.14 -36.10
C LEU A 233 -1.53 -13.17 -35.58
N LEU A 234 -1.20 -14.23 -34.85
CA LEU A 234 0.01 -14.19 -34.05
C LEU A 234 0.89 -15.37 -34.29
N ALA A 235 2.20 -15.15 -34.14
CA ALA A 235 3.20 -16.23 -34.18
C ALA A 235 3.06 -17.13 -32.94
N GLU A 236 3.83 -18.22 -32.91
CA GLU A 236 3.73 -19.16 -31.79
C GLU A 236 4.50 -18.71 -30.54
N GLU A 237 5.35 -17.71 -30.68
CA GLU A 237 6.03 -17.07 -29.57
C GLU A 237 5.74 -15.58 -29.64
N VAL A 238 5.18 -15.03 -28.56
CA VAL A 238 4.69 -13.64 -28.57
C VAL A 238 5.15 -12.89 -27.33
N ARG A 239 5.79 -11.75 -27.57
CA ARG A 239 6.06 -10.75 -26.53
C ARG A 239 4.76 -10.00 -26.18
N VAL A 240 4.39 -9.98 -24.90
CA VAL A 240 3.19 -9.27 -24.44
C VAL A 240 3.61 -8.11 -23.56
N GLU A 241 3.27 -6.89 -23.96
CA GLU A 241 3.56 -5.74 -23.12
C GLU A 241 2.31 -5.25 -22.39
N LEU A 242 2.30 -5.47 -21.07
CA LEU A 242 1.27 -5.01 -20.14
C LEU A 242 1.76 -3.70 -19.49
N PRO A 243 0.86 -2.98 -18.83
CA PRO A 243 1.31 -1.74 -18.17
C PRO A 243 2.42 -2.03 -17.15
N GLY A 244 2.33 -3.16 -16.44
CA GLY A 244 3.34 -3.44 -15.43
C GLY A 244 4.61 -4.03 -16.01
N GLY A 245 4.64 -4.35 -17.31
CA GLY A 245 5.86 -4.93 -17.93
C GLY A 245 5.61 -6.07 -18.92
N ARG A 246 6.65 -6.90 -19.08
CA ARG A 246 6.73 -7.89 -20.17
C ARG A 246 6.50 -9.34 -19.78
N LEU A 247 5.64 -10.03 -20.54
CA LEU A 247 5.57 -11.49 -20.48
C LEU A 247 5.84 -12.03 -21.87
N ASP A 248 6.27 -13.29 -21.93
CA ASP A 248 6.49 -13.95 -23.18
C ASP A 248 5.66 -15.24 -23.20
N ILE A 249 4.76 -15.36 -24.18
CA ILE A 249 3.87 -16.49 -24.27
C ILE A 249 4.30 -17.39 -25.43
N ALA A 250 4.22 -18.70 -25.23
CA ALA A 250 4.61 -19.62 -26.29
C ALA A 250 3.55 -20.71 -26.34
N TRP A 251 3.01 -21.00 -27.54
CA TRP A 251 1.93 -21.97 -27.71
C TRP A 251 1.90 -22.48 -29.14
N LYS A 252 2.02 -23.82 -29.26
CA LYS A 252 1.92 -24.50 -30.56
C LYS A 252 0.50 -24.90 -30.98
N GLY A 253 -0.51 -24.49 -30.22
CA GLY A 253 -1.89 -24.67 -30.65
C GLY A 253 -2.60 -25.86 -30.01
N PRO A 254 -3.84 -26.16 -30.49
CA PRO A 254 -4.64 -27.28 -30.00
C PRO A 254 -3.83 -28.56 -29.78
N GLY A 255 -4.10 -29.26 -28.67
CA GLY A 255 -3.28 -30.40 -28.26
C GLY A 255 -1.97 -30.03 -27.56
N HIS A 256 -1.72 -28.74 -27.35
CA HIS A 256 -0.49 -28.31 -26.64
C HIS A 256 -0.73 -27.43 -25.44
N PRO A 257 0.12 -27.54 -24.42
CA PRO A 257 0.09 -26.59 -23.32
C PRO A 257 0.60 -25.24 -23.79
N LEU A 258 0.14 -24.20 -23.12
CA LEU A 258 0.66 -22.86 -23.38
C LEU A 258 1.58 -22.50 -22.21
N TYR A 259 2.71 -21.86 -22.50
CA TYR A 259 3.72 -21.54 -21.55
C TYR A 259 3.78 -20.02 -21.38
N MET A 260 3.90 -19.55 -20.14
CA MET A 260 4.02 -18.13 -19.88
C MET A 260 5.36 -17.92 -19.14
N THR A 261 6.24 -17.06 -19.69
CA THR A 261 7.53 -16.83 -19.10
C THR A 261 7.56 -15.39 -18.64
N GLY A 262 7.94 -15.19 -17.40
CA GLY A 262 8.00 -13.82 -16.87
C GLY A 262 8.86 -13.65 -15.65
N PRO A 263 9.03 -12.38 -15.24
CA PRO A 263 9.93 -12.02 -14.18
C PRO A 263 9.28 -12.23 -12.79
N ALA A 264 10.13 -12.22 -11.76
CA ALA A 264 9.71 -12.22 -10.37
C ALA A 264 10.75 -11.44 -9.60
N VAL A 265 10.36 -10.33 -8.96
CA VAL A 265 11.37 -9.48 -8.40
C VAL A 265 11.47 -9.70 -6.91
N HIS A 266 12.68 -9.94 -6.43
CA HIS A 266 12.95 -10.01 -5.03
C HIS A 266 13.21 -8.61 -4.48
N VAL A 267 12.23 -8.07 -3.73
CA VAL A 267 12.31 -6.65 -3.26
C VAL A 267 13.12 -6.53 -1.98
N ALA A 268 12.84 -7.39 -0.97
CA ALA A 268 13.49 -7.24 0.34
C ALA A 268 13.31 -8.52 1.12
N ASP A 269 14.13 -8.72 2.15
CA ASP A 269 13.84 -9.76 3.14
C ASP A 269 13.46 -9.06 4.39
N GLY A 270 12.89 -9.80 5.32
CA GLY A 270 12.46 -9.20 6.57
C GLY A 270 12.26 -10.23 7.65
N PHE A 271 12.08 -9.72 8.87
CA PHE A 271 11.69 -10.50 10.01
C PHE A 271 10.62 -9.75 10.74
N ILE A 272 9.56 -10.47 11.09
CA ILE A 272 8.47 -9.91 11.87
C ILE A 272 8.34 -10.69 13.19
N HIS A 273 8.27 -9.95 14.26
CA HIS A 273 8.32 -10.51 15.59
C HIS A 273 6.97 -11.08 15.94
N LEU A 274 6.83 -12.41 16.01
CA LEU A 274 5.53 -13.00 16.43
C LEU A 274 5.61 -13.74 17.79
N MET B 1 20.78 -2.74 2.48
CA MET B 1 20.61 -1.75 3.57
C MET B 1 19.57 -2.29 4.56
N GLN B 2 19.93 -2.31 5.83
CA GLN B 2 18.96 -2.64 6.88
C GLN B 2 17.97 -1.53 7.04
N PHE B 3 16.71 -1.87 7.30
CA PHE B 3 15.71 -0.86 7.65
C PHE B 3 14.74 -1.49 8.64
N SER B 4 13.93 -0.64 9.31
CA SER B 4 12.80 -1.15 10.10
C SER B 4 11.53 -0.52 9.60
N LYS B 5 10.44 -1.25 9.75
CA LYS B 5 9.12 -0.69 9.44
C LYS B 5 8.46 -0.32 10.77
N MET B 6 8.02 0.93 10.91
CA MET B 6 7.33 1.37 12.13
C MET B 6 6.11 2.27 11.83
N HIS B 7 5.26 2.46 12.84
CA HIS B 7 4.19 3.43 12.70
C HIS B 7 3.84 4.07 14.00
N GLY B 8 3.38 5.32 13.91
CA GLY B 8 2.81 5.99 15.06
C GLY B 8 1.33 6.04 14.66
N LEU B 9 0.52 5.21 15.30
CA LEU B 9 -0.94 5.09 15.07
C LEU B 9 -1.33 5.04 13.61
N GLY B 10 -0.66 4.17 12.84
CA GLY B 10 -1.01 4.02 11.40
C GLY B 10 -0.21 4.92 10.47
N ASN B 11 0.45 5.94 10.99
CA ASN B 11 1.40 6.75 10.15
C ASN B 11 2.70 6.05 9.92
N ASP B 12 2.96 5.52 8.72
CA ASP B 12 4.05 4.53 8.63
C ASP B 12 5.36 5.09 8.08
N PHE B 13 6.45 4.50 8.56
CA PHE B 13 7.77 4.94 8.19
C PHE B 13 8.58 3.75 7.83
N MET B 14 9.50 3.97 6.89
CA MET B 14 10.68 3.13 6.78
C MET B 14 11.74 3.88 7.56
N VAL B 15 12.35 3.22 8.53
CA VAL B 15 13.30 3.86 9.39
C VAL B 15 14.66 3.22 9.13
N VAL B 16 15.70 4.04 8.92
CA VAL B 16 16.99 3.51 8.52
C VAL B 16 18.10 4.05 9.43
N ASP B 17 18.88 3.13 9.94
CA ASP B 17 20.03 3.50 10.75
C ASP B 17 21.14 3.94 9.80
N ALA B 18 21.53 5.21 9.83
CA ALA B 18 22.66 5.73 9.02
C ALA B 18 23.89 5.91 9.92
N VAL B 19 23.87 5.35 11.14
CA VAL B 19 25.05 5.42 12.01
C VAL B 19 26.01 4.24 11.70
N THR B 20 25.44 3.04 11.59
CA THR B 20 26.27 1.85 11.52
C THR B 20 26.37 1.29 10.11
N GLN B 21 25.72 1.92 9.13
CA GLN B 21 25.92 1.54 7.73
C GLN B 21 25.91 2.81 6.89
N ASN B 22 26.36 2.71 5.64
CA ASN B 22 26.29 3.88 4.74
C ASN B 22 24.96 3.90 4.09
N VAL B 23 24.25 5.02 4.20
CA VAL B 23 22.92 5.10 3.65
C VAL B 23 22.95 6.13 2.53
N PHE B 24 22.63 5.71 1.31
CA PHE B 24 22.69 6.59 0.15
C PHE B 24 21.31 6.64 -0.51
N PHE B 25 20.77 7.83 -0.73
CA PHE B 25 19.50 7.99 -1.43
C PHE B 25 19.55 9.04 -2.57
N SER B 26 18.69 8.83 -3.58
CA SER B 26 18.33 9.88 -4.55
C SER B 26 16.82 10.08 -4.42
N PRO B 27 16.32 11.26 -4.87
CA PRO B 27 14.86 11.47 -4.84
C PRO B 27 14.12 10.33 -5.53
N GLU B 28 14.65 9.88 -6.67
CA GLU B 28 14.05 8.78 -7.42
C GLU B 28 14.02 7.44 -6.66
N LEU B 29 15.16 7.10 -6.04
CA LEU B 29 15.19 5.88 -5.23
C LEU B 29 14.17 5.94 -4.07
N ILE B 30 14.07 7.06 -3.36
CA ILE B 30 13.02 7.18 -2.31
C ILE B 30 11.63 6.92 -2.86
N ARG B 31 11.32 7.53 -4.01
CA ARG B 31 10.02 7.29 -4.66
C ARG B 31 9.80 5.81 -4.97
N ARG B 32 10.83 5.14 -5.48
CA ARG B 32 10.72 3.71 -5.77
C ARG B 32 10.47 2.89 -4.49
N LEU B 33 11.25 3.16 -3.44
CA LEU B 33 11.16 2.40 -2.19
C LEU B 33 9.78 2.61 -1.53
N ALA B 34 9.23 3.82 -1.66
CA ALA B 34 7.95 4.16 -1.01
C ALA B 34 6.78 3.42 -1.69
N ASP B 35 6.98 3.00 -2.94
CA ASP B 35 5.92 2.36 -3.71
C ASP B 35 5.48 1.09 -2.96
N ARG B 36 4.18 0.99 -2.71
CA ARG B 36 3.60 -0.11 -1.88
C ARG B 36 3.74 -1.47 -2.58
N HIS B 37 3.74 -1.47 -3.91
CA HIS B 37 3.81 -2.71 -4.65
C HIS B 37 5.18 -3.06 -5.13
N LEU B 38 5.92 -2.04 -5.54
CA LEU B 38 7.22 -2.22 -6.17
C LEU B 38 8.35 -2.04 -5.18
N GLY B 39 8.06 -1.44 -4.03
CA GLY B 39 9.10 -1.15 -3.08
C GLY B 39 8.77 -1.71 -1.72
N VAL B 40 9.30 -1.07 -0.69
CA VAL B 40 9.00 -1.44 0.71
C VAL B 40 7.63 -0.97 1.13
N GLY B 41 7.26 0.25 0.73
CA GLY B 41 5.93 0.84 1.00
C GLY B 41 6.00 1.66 2.30
N PHE B 42 5.75 2.98 2.24
CA PHE B 42 5.77 3.82 3.42
C PHE B 42 5.26 5.20 3.06
N ASP B 43 4.69 5.91 4.05
CA ASP B 43 4.34 7.33 3.87
C ASP B 43 5.60 8.19 3.91
N GLN B 44 6.50 7.91 4.84
CA GLN B 44 7.70 8.72 5.00
C GLN B 44 8.90 7.89 5.37
N LEU B 45 10.06 8.44 5.05
CA LEU B 45 11.33 7.80 5.28
C LEU B 45 12.02 8.56 6.39
N LEU B 46 12.51 7.82 7.38
CA LEU B 46 13.13 8.44 8.54
C LEU B 46 14.58 7.99 8.61
N VAL B 47 15.50 8.92 8.47
CA VAL B 47 16.94 8.54 8.50
C VAL B 47 17.55 9.02 9.82
N VAL B 48 18.20 8.10 10.51
CA VAL B 48 18.73 8.33 11.86
C VAL B 48 20.24 8.45 11.71
N GLU B 49 20.77 9.58 12.14
CA GLU B 49 22.15 9.88 11.87
C GLU B 49 22.94 10.17 13.15
N PRO B 50 24.28 10.04 13.11
CA PRO B 50 25.05 10.52 14.25
C PRO B 50 24.89 12.03 14.42
N PRO B 51 25.15 12.54 15.62
CA PRO B 51 24.98 13.96 15.87
C PRO B 51 26.11 14.76 15.21
N TYR B 52 25.81 15.96 14.74
CA TYR B 52 26.83 16.87 14.19
C TYR B 52 27.29 17.94 15.19
N ASP B 53 26.57 18.03 16.30
CA ASP B 53 26.97 18.81 17.45
C ASP B 53 27.21 17.82 18.60
N PRO B 54 28.39 17.89 19.25
CA PRO B 54 28.73 17.02 20.39
C PRO B 54 27.80 17.18 21.59
N GLU B 55 26.97 18.19 21.60
CA GLU B 55 25.97 18.27 22.65
C GLU B 55 24.72 17.42 22.41
N LEU B 56 24.61 16.82 21.21
CA LEU B 56 23.41 16.03 20.88
C LEU B 56 23.70 14.52 20.84
N ASP B 57 22.65 13.71 20.85
CA ASP B 57 22.83 12.28 20.72
C ASP B 57 22.68 11.83 19.27
N PHE B 58 21.76 12.47 18.54
CA PHE B 58 21.50 12.03 17.16
C PHE B 58 21.07 13.24 16.38
N HIS B 59 21.04 13.10 15.06
CA HIS B 59 20.27 13.95 14.16
C HIS B 59 19.30 13.05 13.40
N TYR B 60 18.11 13.55 13.01
CA TYR B 60 17.34 12.76 12.04
C TYR B 60 16.68 13.64 11.05
N ARG B 61 16.50 13.08 9.87
CA ARG B 61 15.77 13.79 8.84
C ARG B 61 14.73 12.86 8.20
N ILE B 62 13.73 13.47 7.62
CA ILE B 62 12.56 12.78 7.09
C ILE B 62 12.30 13.20 5.64
N PHE B 63 12.03 12.21 4.78
CA PHE B 63 11.66 12.49 3.42
C PHE B 63 10.23 11.98 3.22
N ASN B 64 9.45 12.65 2.39
CA ASN B 64 8.17 12.07 1.98
C ASN B 64 8.32 11.09 0.83
N ALA B 65 7.21 10.49 0.41
CA ALA B 65 7.15 9.48 -0.65
C ALA B 65 7.53 10.08 -2.02
N ASP B 66 7.48 11.39 -2.14
CA ASP B 66 7.99 12.09 -3.32
C ASP B 66 9.47 12.29 -3.33
N GLY B 67 10.17 11.91 -2.24
CA GLY B 67 11.63 12.11 -2.24
C GLY B 67 12.08 13.46 -1.74
N SER B 68 11.16 14.28 -1.25
CA SER B 68 11.68 15.53 -0.68
C SER B 68 11.60 15.65 0.84
N GLU B 69 12.48 16.49 1.39
CA GLU B 69 12.64 16.56 2.83
C GLU B 69 11.44 17.24 3.47
N VAL B 70 10.98 16.72 4.61
CA VAL B 70 9.83 17.29 5.36
C VAL B 70 10.37 17.92 6.65
N ALA B 71 9.89 19.12 6.97
CA ALA B 71 10.27 19.78 8.20
C ALA B 71 9.04 20.09 9.06
N GLN B 72 8.48 19.11 9.78
CA GLN B 72 7.32 19.40 10.66
C GLN B 72 7.65 18.98 12.08
N CYS B 73 7.47 19.89 13.03
CA CYS B 73 7.84 19.61 14.43
C CYS B 73 7.15 18.35 14.92
N GLY B 74 7.95 17.44 15.50
CA GLY B 74 7.40 16.22 16.07
C GLY B 74 7.16 15.06 15.09
N ASN B 75 7.20 15.33 13.80
CA ASN B 75 7.01 14.33 12.80
C ASN B 75 8.04 13.20 12.98
N GLY B 76 7.58 11.96 13.11
CA GLY B 76 8.50 10.81 13.23
C GLY B 76 9.19 10.70 14.57
N ALA B 77 8.95 11.64 15.50
CA ALA B 77 9.77 11.69 16.76
C ALA B 77 9.61 10.44 17.62
N ARG B 78 8.41 9.92 17.72
CA ARG B 78 8.18 8.78 18.60
C ARG B 78 8.82 7.53 18.02
N CYS B 79 8.64 7.30 16.72
CA CYS B 79 9.32 6.16 16.06
C CYS B 79 10.82 6.33 16.16
N PHE B 80 11.32 7.56 15.97
CA PHE B 80 12.74 7.82 16.16
C PHE B 80 13.24 7.33 17.52
N ALA B 81 12.56 7.74 18.60
CA ALA B 81 13.07 7.49 19.95
C ALA B 81 13.07 6.01 20.29
N ARG B 82 12.02 5.28 19.89
CA ARG B 82 11.98 3.85 20.15
C ARG B 82 12.98 3.10 19.27
N PHE B 83 13.13 3.54 18.02
CA PHE B 83 14.09 2.91 17.08
C PHE B 83 15.53 2.89 17.65
N VAL B 84 16.04 4.05 18.05
CA VAL B 84 17.43 4.13 18.55
C VAL B 84 17.68 3.23 19.74
N ARG B 85 16.65 3.07 20.57
CA ARG B 85 16.71 2.12 21.73
C ARG B 85 16.61 0.66 21.27
N LEU B 86 15.61 0.36 20.46
CA LEU B 86 15.45 -1.02 19.89
C LEU B 86 16.65 -1.49 19.09
N LYS B 87 17.32 -0.57 18.42
CA LYS B 87 18.51 -0.95 17.64
C LYS B 87 19.77 -0.99 18.44
N GLY B 88 19.70 -0.59 19.71
CA GLY B 88 20.90 -0.50 20.55
C GLY B 88 21.87 0.56 20.07
N LEU B 89 21.37 1.66 19.48
CA LEU B 89 22.24 2.80 19.23
C LEU B 89 22.41 3.62 20.49
N THR B 90 21.47 3.49 21.44
CA THR B 90 21.58 4.18 22.73
C THR B 90 20.76 3.40 23.74
N ASN B 91 21.06 3.58 25.02
CA ASN B 91 20.10 3.13 25.99
C ASN B 91 19.56 4.30 26.83
N LYS B 92 19.83 5.53 26.41
CA LYS B 92 19.29 6.70 27.09
C LYS B 92 17.77 6.73 26.99
N ARG B 93 17.14 7.29 28.00
CA ARG B 93 15.69 7.46 28.02
C ARG B 93 15.31 8.91 27.68
N ASP B 94 16.21 9.84 27.96
CA ASP B 94 16.10 11.21 27.51
C ASP B 94 17.12 11.41 26.41
N ILE B 95 16.61 11.69 25.20
CA ILE B 95 17.41 11.69 23.96
C ILE B 95 17.42 13.08 23.31
N ARG B 96 18.62 13.68 23.22
CA ARG B 96 18.77 14.98 22.60
C ARG B 96 19.01 14.85 21.12
N VAL B 97 18.16 15.47 20.31
CA VAL B 97 18.27 15.27 18.87
C VAL B 97 18.14 16.59 18.12
N SER B 98 18.88 16.74 17.02
CA SER B 98 18.61 17.85 16.08
C SER B 98 17.76 17.33 14.93
N THR B 99 16.98 18.21 14.33
CA THR B 99 16.09 17.85 13.23
C THR B 99 16.11 19.06 12.27
N ALA B 100 15.38 18.97 11.14
CA ALA B 100 15.09 20.15 10.31
C ALA B 100 14.40 21.29 11.12
N ASN B 101 13.73 20.99 12.24
CA ASN B 101 13.15 22.08 13.04
C ASN B 101 13.83 22.48 14.32
N GLY B 102 15.12 22.24 14.40
CA GLY B 102 15.88 22.64 15.56
C GLY B 102 16.20 21.45 16.42
N ARG B 103 16.33 21.69 17.70
CA ARG B 103 16.76 20.68 18.64
C ARG B 103 15.61 20.44 19.60
N MET B 104 15.58 19.27 20.16
CA MET B 104 14.68 19.00 21.25
C MET B 104 15.20 17.82 22.00
N VAL B 105 14.54 17.56 23.12
CA VAL B 105 14.76 16.37 23.92
C VAL B 105 13.51 15.52 23.87
N LEU B 106 13.68 14.24 23.56
CA LEU B 106 12.57 13.28 23.54
C LEU B 106 12.65 12.39 24.78
N THR B 107 11.53 12.03 25.37
CA THR B 107 11.61 11.15 26.53
C THR B 107 10.77 9.91 26.35
N VAL B 108 11.38 8.76 26.61
CA VAL B 108 10.71 7.46 26.54
C VAL B 108 10.25 7.14 27.95
N THR B 109 8.95 6.94 28.10
CA THR B 109 8.36 6.79 29.42
C THR B 109 8.52 5.36 29.96
N ASP B 110 8.10 5.18 31.23
CA ASP B 110 8.09 3.87 31.86
C ASP B 110 7.24 2.86 31.10
N ASP B 111 6.20 3.31 30.40
CA ASP B 111 5.42 2.38 29.59
C ASP B 111 5.88 2.31 28.16
N ASP B 112 7.07 2.82 27.86
CA ASP B 112 7.58 2.77 26.49
C ASP B 112 6.73 3.60 25.49
N LEU B 113 6.14 4.69 25.96
CA LEU B 113 5.51 5.66 25.08
C LEU B 113 6.56 6.75 24.95
N VAL B 114 6.36 7.68 24.02
CA VAL B 114 7.31 8.76 23.85
C VAL B 114 6.61 10.11 24.06
N ARG B 115 7.26 10.97 24.85
CA ARG B 115 6.81 12.34 25.10
C ARG B 115 7.60 13.32 24.22
N VAL B 116 6.86 14.12 23.46
CA VAL B 116 7.41 15.06 22.52
C VAL B 116 6.98 16.48 22.93
N ASN B 117 7.94 17.40 22.97
CA ASN B 117 7.66 18.82 23.13
C ASN B 117 7.31 19.39 21.75
N MET B 118 6.05 19.83 21.60
CA MET B 118 5.55 20.27 20.33
C MET B 118 5.63 21.79 20.20
N GLY B 119 6.24 22.48 21.16
CA GLY B 119 6.35 23.95 21.06
C GLY B 119 5.06 24.57 21.57
N GLU B 120 5.00 25.89 21.55
CA GLU B 120 3.80 26.62 21.94
C GLU B 120 2.79 26.82 20.80
N PRO B 121 1.53 26.39 21.00
CA PRO B 121 0.48 26.66 20.01
C PRO B 121 0.40 28.13 19.69
N ASN B 122 0.29 28.44 18.40
CA ASN B 122 0.28 29.85 17.97
C ASN B 122 -1.09 30.16 17.38
N PHE B 123 -1.86 30.99 18.08
CA PHE B 123 -3.23 31.28 17.66
C PHE B 123 -3.37 32.49 16.76
N GLU B 124 -2.25 33.13 16.41
CA GLU B 124 -2.32 34.34 15.60
C GLU B 124 -2.75 34.01 14.18
N PRO B 125 -3.89 34.57 13.74
CA PRO B 125 -4.37 34.22 12.42
C PRO B 125 -3.31 34.33 11.30
N SER B 126 -2.48 35.36 11.33
CA SER B 126 -1.46 35.47 10.28
C SER B 126 -0.40 34.36 10.35
N ALA B 127 -0.26 33.70 11.49
CA ALA B 127 0.74 32.65 11.64
C ALA B 127 0.20 31.31 11.15
N VAL B 128 -1.11 31.25 10.90
CA VAL B 128 -1.74 29.97 10.59
C VAL B 128 -1.36 29.35 9.23
N PRO B 129 -1.57 30.09 8.10
CA PRO B 129 -2.26 31.36 7.94
C PRO B 129 -3.77 31.16 7.85
N PHE B 130 -4.50 32.16 8.34
CA PHE B 130 -5.94 32.13 8.35
C PHE B 130 -6.38 33.57 8.12
N ARG B 131 -7.30 33.79 7.18
CA ARG B 131 -7.86 35.14 6.99
C ARG B 131 -8.95 35.40 8.02
N ALA B 132 -8.69 36.36 8.91
CA ALA B 132 -9.63 36.73 9.98
C ALA B 132 -9.38 38.19 10.31
N ASN B 133 -10.24 38.81 11.11
CA ASN B 133 -9.98 40.21 11.48
C ASN B 133 -8.90 40.27 12.53
N LYS B 134 -8.95 39.32 13.46
CA LYS B 134 -8.00 39.19 14.57
C LYS B 134 -8.22 37.87 15.30
N ALA B 135 -7.26 37.50 16.15
CA ALA B 135 -7.35 36.29 16.98
C ALA B 135 -8.61 36.32 17.82
N GLU B 136 -9.40 35.25 17.73
CA GLU B 136 -10.59 35.10 18.54
C GLU B 136 -10.57 33.67 19.05
N LYS B 137 -11.27 33.43 20.14
CA LYS B 137 -11.36 32.08 20.67
C LYS B 137 -12.25 31.21 19.77
N THR B 138 -13.26 31.82 19.14
CA THR B 138 -14.23 31.14 18.27
C THR B 138 -14.46 31.96 17.03
N TYR B 139 -14.44 31.33 15.86
CA TYR B 139 -14.77 32.07 14.63
C TYR B 139 -16.05 31.55 14.01
N ILE B 140 -16.73 32.37 13.20
CA ILE B 140 -17.83 31.86 12.38
C ILE B 140 -17.28 31.62 10.98
N MET B 141 -17.54 30.44 10.43
CA MET B 141 -17.23 30.20 9.02
C MET B 141 -18.48 29.68 8.31
N ARG B 142 -18.53 29.83 6.99
CA ARG B 142 -19.59 29.22 6.17
CA ARG B 142 -19.59 29.19 6.21
C ARG B 142 -19.07 27.98 5.47
N ALA B 143 -19.87 26.93 5.46
CA ALA B 143 -19.65 25.80 4.61
C ALA B 143 -21.00 25.62 3.94
N ALA B 144 -21.05 26.04 2.67
CA ALA B 144 -22.28 26.31 1.89
C ALA B 144 -23.52 26.66 2.73
N GLU B 145 -24.35 25.66 3.08
CA GLU B 145 -25.55 25.95 3.87
C GLU B 145 -25.24 26.27 5.35
N GLN B 146 -24.34 25.47 5.93
CA GLN B 146 -24.10 25.42 7.36
C GLN B 146 -23.27 26.57 7.95
N THR B 147 -23.64 27.00 9.15
CA THR B 147 -22.81 27.90 9.93
C THR B 147 -21.90 26.97 10.76
N ILE B 148 -20.59 27.18 10.69
CA ILE B 148 -19.60 26.42 11.49
C ILE B 148 -18.94 27.34 12.53
N LEU B 149 -18.88 26.89 13.78
CA LEU B 149 -18.12 27.56 14.83
C LEU B 149 -16.85 26.76 15.02
N CYS B 150 -15.69 27.42 15.04
CA CYS B 150 -14.44 26.72 15.10
C CYS B 150 -13.41 27.54 15.86
N GLY B 151 -12.35 26.87 16.32
CA GLY B 151 -11.13 27.58 16.73
C GLY B 151 -10.07 27.32 15.67
N VAL B 152 -9.04 28.16 15.62
CA VAL B 152 -8.01 28.01 14.58
C VAL B 152 -6.67 28.21 15.29
N VAL B 153 -5.69 27.38 14.94
CA VAL B 153 -4.39 27.43 15.64
C VAL B 153 -3.29 26.85 14.78
N SER B 154 -2.05 27.31 14.98
CA SER B 154 -0.93 26.70 14.31
C SER B 154 -0.11 25.86 15.28
N MET B 155 0.25 24.66 14.83
CA MET B 155 1.19 23.83 15.55
C MET B 155 2.48 23.70 14.73
N GLY B 156 2.83 24.73 13.99
CA GLY B 156 3.81 24.61 12.88
C GLY B 156 3.06 24.36 11.59
N ASN B 157 1.83 23.86 11.71
CA ASN B 157 0.97 23.64 10.58
C ASN B 157 -0.47 24.08 10.97
N PRO B 158 -1.32 24.31 9.97
CA PRO B 158 -2.63 24.95 10.19
C PRO B 158 -3.74 23.95 10.56
N HIS B 159 -4.56 24.33 11.53
CA HIS B 159 -5.69 23.54 12.04
C HIS B 159 -6.93 24.34 12.25
N CYS B 160 -8.06 23.70 11.97
CA CYS B 160 -9.33 24.26 12.17
C CYS B 160 -10.06 23.21 12.97
N VAL B 161 -10.48 23.58 14.18
CA VAL B 161 -11.02 22.64 15.13
C VAL B 161 -12.50 22.94 15.36
N ILE B 162 -13.37 21.99 15.04
CA ILE B 162 -14.81 22.17 15.20
C ILE B 162 -15.32 21.20 16.27
N GLN B 163 -16.12 21.71 17.21
CA GLN B 163 -16.68 20.83 18.24
C GLN B 163 -17.92 20.11 17.71
N VAL B 164 -18.05 18.82 17.98
CA VAL B 164 -19.20 18.06 17.49
C VAL B 164 -19.82 17.30 18.64
N ASP B 165 -21.11 16.99 18.50
CA ASP B 165 -21.79 16.08 19.45
C ASP B 165 -21.22 14.66 19.48
N ASP B 166 -20.89 14.10 18.32
CA ASP B 166 -20.46 12.70 18.26
C ASP B 166 -19.58 12.57 17.03
N VAL B 167 -18.30 12.20 17.20
CA VAL B 167 -17.42 12.06 16.02
C VAL B 167 -17.99 11.07 14.99
N ASP B 168 -18.74 10.09 15.44
CA ASP B 168 -19.31 9.10 14.52
C ASP B 168 -20.42 9.61 13.58
N THR B 169 -21.04 10.74 13.93
CA THR B 169 -22.09 11.31 13.10
C THR B 169 -21.63 12.64 12.49
N ALA B 170 -20.38 13.03 12.74
CA ALA B 170 -19.82 14.26 12.21
C ALA B 170 -19.72 14.12 10.69
N ALA B 171 -19.91 15.21 9.96
CA ALA B 171 -19.95 15.14 8.49
C ALA B 171 -18.56 15.40 7.90
N VAL B 172 -17.63 14.51 8.25
CA VAL B 172 -16.21 14.62 7.94
C VAL B 172 -16.04 14.64 6.43
N GLU B 173 -16.72 13.72 5.76
CA GLU B 173 -16.56 13.57 4.33
C GLU B 173 -17.20 14.66 3.50
N THR B 174 -18.14 15.40 4.06
CA THR B 174 -18.70 16.46 3.27
C THR B 174 -18.22 17.85 3.70
N LEU B 175 -18.00 18.04 4.98
CA LEU B 175 -17.51 19.32 5.49
C LEU B 175 -15.98 19.45 5.38
N GLY B 176 -15.27 18.34 5.59
CA GLY B 176 -13.81 18.29 5.51
C GLY B 176 -13.21 18.93 4.27
N PRO B 177 -13.62 18.45 3.07
CA PRO B 177 -13.04 19.00 1.84
C PRO B 177 -13.31 20.48 1.68
N VAL B 178 -14.51 20.89 2.08
CA VAL B 178 -14.94 22.27 1.95
C VAL B 178 -14.00 23.12 2.81
N LEU B 179 -13.80 22.72 4.07
CA LEU B 179 -12.99 23.54 4.94
C LEU B 179 -11.51 23.41 4.63
N GLU B 180 -11.08 22.20 4.24
CA GLU B 180 -9.68 21.90 3.94
C GLU B 180 -9.02 22.85 2.95
N SER B 181 -9.70 23.19 1.86
CA SER B 181 -9.17 24.20 0.95
C SER B 181 -10.10 25.38 0.81
N HIS B 182 -10.74 25.75 1.92
CA HIS B 182 -11.47 27.00 2.00
C HIS B 182 -10.57 28.15 1.63
N GLU B 183 -11.17 29.16 0.98
CA GLU B 183 -10.49 30.41 0.59
C GLU B 183 -9.77 31.08 1.76
N ARG B 184 -10.36 30.99 2.95
CA ARG B 184 -9.82 31.60 4.16
C ARG B 184 -8.56 30.95 4.74
N PHE B 185 -8.16 29.80 4.18
CA PHE B 185 -6.93 29.14 4.53
C PHE B 185 -6.01 29.12 3.30
N PRO B 186 -5.18 30.17 3.11
CA PRO B 186 -4.39 30.22 1.86
C PRO B 186 -3.49 29.00 1.64
N GLU B 187 -3.09 28.35 2.72
CA GLU B 187 -2.22 27.18 2.59
C GLU B 187 -2.94 25.88 2.97
N ARG B 188 -4.28 25.92 2.90
CA ARG B 188 -5.19 24.83 3.25
C ARG B 188 -5.11 24.61 4.79
N ALA B 189 -5.89 23.67 5.32
CA ALA B 189 -5.89 23.39 6.75
C ALA B 189 -6.30 21.95 7.02
N ASN B 190 -5.75 21.44 8.11
CA ASN B 190 -6.25 20.23 8.75
C ASN B 190 -7.52 20.55 9.54
N ILE B 191 -8.56 19.79 9.24
CA ILE B 191 -9.87 20.05 9.83
C ILE B 191 -10.18 18.97 10.89
N GLY B 192 -10.29 19.40 12.15
CA GLY B 192 -10.56 18.50 13.28
C GLY B 192 -12.02 18.58 13.73
N PHE B 193 -12.59 17.40 14.02
CA PHE B 193 -13.96 17.24 14.48
C PHE B 193 -13.83 16.65 15.86
N MET B 194 -14.10 17.49 16.85
CA MET B 194 -13.75 17.18 18.23
C MET B 194 -15.01 16.99 19.04
N GLN B 195 -15.11 15.81 19.67
CA GLN B 195 -16.19 15.55 20.60
C GLN B 195 -15.62 15.57 22.03
N VAL B 196 -16.15 16.46 22.86
CA VAL B 196 -15.67 16.61 24.25
C VAL B 196 -16.44 15.63 25.13
N VAL B 197 -15.79 14.55 25.52
CA VAL B 197 -16.43 13.56 26.37
C VAL B 197 -16.48 14.06 27.81
N LYS B 198 -15.35 14.55 28.30
CA LYS B 198 -15.32 15.32 29.56
C LYS B 198 -14.10 16.21 29.45
N ARG B 199 -13.81 16.96 30.50
CA ARG B 199 -12.70 17.92 30.46
C ARG B 199 -11.31 17.31 30.16
N GLU B 200 -11.17 16.02 30.48
CA GLU B 200 -9.91 15.30 30.37
C GLU B 200 -9.92 14.26 29.22
N HIS B 201 -10.93 14.31 28.35
CA HIS B 201 -11.09 13.24 27.32
C HIS B 201 -11.87 13.72 26.13
N ILE B 202 -11.24 13.66 24.95
CA ILE B 202 -11.98 13.93 23.73
C ILE B 202 -11.90 12.76 22.79
N ARG B 203 -12.83 12.70 21.83
CA ARG B 203 -12.66 11.88 20.64
C ARG B 203 -12.44 12.81 19.46
N LEU B 204 -11.65 12.36 18.50
CA LEU B 204 -11.26 13.25 17.41
C LEU B 204 -11.22 12.51 16.09
N ARG B 205 -11.72 13.16 15.05
CA ARG B 205 -11.46 12.75 13.67
C ARG B 205 -10.83 13.94 12.96
N VAL B 206 -9.87 13.66 12.07
CA VAL B 206 -9.17 14.72 11.38
C VAL B 206 -9.18 14.57 9.84
N TYR B 207 -9.65 15.60 9.13
CA TYR B 207 -9.55 15.59 7.68
C TYR B 207 -8.28 16.40 7.36
N GLU B 208 -7.24 15.69 6.93
CA GLU B 208 -5.89 16.28 6.83
C GLU B 208 -5.69 17.10 5.57
N ARG B 209 -4.86 18.12 5.69
CA ARG B 209 -4.44 18.89 4.56
C ARG B 209 -3.88 17.93 3.49
N GLY B 210 -4.47 18.01 2.29
CA GLY B 210 -4.06 17.23 1.12
C GLY B 210 -4.04 15.70 1.20
N ALA B 211 -4.71 15.13 2.21
CA ALA B 211 -4.73 13.66 2.41
C ALA B 211 -6.12 13.12 2.78
N GLY B 212 -7.03 14.01 3.19
CA GLY B 212 -8.32 13.61 3.74
C GLY B 212 -8.19 12.90 5.06
N GLU B 213 -9.20 12.12 5.43
CA GLU B 213 -9.20 11.51 6.76
C GLU B 213 -8.18 10.38 6.87
N THR B 214 -7.33 10.42 7.89
CA THR B 214 -6.50 9.28 8.22
C THR B 214 -6.80 8.74 9.64
N GLN B 215 -6.06 7.70 10.04
CA GLN B 215 -6.31 7.04 11.32
C GLN B 215 -5.85 7.88 12.52
N ALA B 216 -4.85 8.73 12.30
CA ALA B 216 -4.37 9.57 13.38
C ALA B 216 -3.53 10.73 12.82
N CYS B 217 -3.79 11.92 13.35
CA CYS B 217 -3.02 13.09 12.98
C CYS B 217 -2.52 13.68 14.28
N GLY B 218 -1.23 13.53 14.57
CA GLY B 218 -0.74 13.88 15.91
C GLY B 218 -0.84 15.38 16.16
N SER B 219 -0.40 16.19 15.19
CA SER B 219 -0.50 17.64 15.35
C SER B 219 -1.94 18.12 15.46
N GLY B 220 -2.85 17.44 14.74
CA GLY B 220 -4.28 17.70 14.90
C GLY B 220 -4.77 17.41 16.32
N ALA B 221 -4.29 16.32 16.95
CA ALA B 221 -4.64 16.06 18.36
C ALA B 221 -4.15 17.20 19.25
N CYS B 222 -2.92 17.67 19.02
CA CYS B 222 -2.37 18.82 19.74
C CYS B 222 -3.28 20.04 19.58
N ALA B 223 -3.63 20.32 18.32
CA ALA B 223 -4.43 21.52 18.01
C ALA B 223 -5.79 21.49 18.66
N ALA B 224 -6.44 20.32 18.65
CA ALA B 224 -7.79 20.23 19.14
C ALA B 224 -7.79 20.47 20.64
N VAL B 225 -6.79 19.95 21.33
CA VAL B 225 -6.68 20.18 22.78
C VAL B 225 -6.33 21.66 23.08
N ALA B 226 -5.37 22.23 22.37
CA ALA B 226 -5.02 23.63 22.55
C ALA B 226 -6.27 24.53 22.37
N VAL B 227 -7.04 24.27 21.31
CA VAL B 227 -8.27 25.03 21.06
C VAL B 227 -9.28 24.75 22.18
N GLY B 228 -9.44 23.48 22.60
CA GLY B 228 -10.45 23.20 23.65
C GLY B 228 -10.07 23.84 24.97
N ILE B 229 -8.76 23.87 25.24
CA ILE B 229 -8.26 24.54 26.46
C ILE B 229 -8.55 26.03 26.38
N GLN B 230 -8.27 26.64 25.25
CA GLN B 230 -8.48 28.09 25.12
C GLN B 230 -9.97 28.42 25.16
N GLN B 231 -10.81 27.52 24.69
CA GLN B 231 -12.26 27.76 24.73
C GLN B 231 -12.86 27.40 26.10
N GLY B 232 -12.02 27.11 27.08
CA GLY B 232 -12.45 26.76 28.43
C GLY B 232 -13.19 25.43 28.55
N LEU B 233 -13.08 24.56 27.53
CA LEU B 233 -13.75 23.24 27.58
C LEU B 233 -12.92 22.11 28.21
N LEU B 234 -11.59 22.27 28.23
CA LEU B 234 -10.70 21.13 28.57
C LEU B 234 -9.75 21.46 29.69
N ALA B 235 -9.37 20.42 30.43
CA ALA B 235 -8.38 20.52 31.48
C ALA B 235 -6.97 20.48 30.84
N GLU B 236 -5.95 20.56 31.69
CA GLU B 236 -4.61 20.73 31.16
C GLU B 236 -3.93 19.41 30.73
N GLU B 237 -4.56 18.28 31.04
CA GLU B 237 -4.12 16.97 30.57
C GLU B 237 -5.32 16.32 29.94
N VAL B 238 -5.19 15.93 28.67
CA VAL B 238 -6.34 15.42 27.94
C VAL B 238 -5.98 14.14 27.15
N ARG B 239 -6.83 13.14 27.30
CA ARG B 239 -6.73 11.89 26.53
C ARG B 239 -7.45 12.15 25.22
N VAL B 240 -6.79 11.87 24.10
CA VAL B 240 -7.38 12.02 22.79
C VAL B 240 -7.50 10.62 22.19
N GLU B 241 -8.74 10.24 21.85
CA GLU B 241 -8.96 9.00 21.13
C GLU B 241 -9.19 9.31 19.66
N LEU B 242 -8.25 8.84 18.83
CA LEU B 242 -8.37 8.96 17.37
C LEU B 242 -8.78 7.59 16.79
N PRO B 243 -9.18 7.55 15.51
CA PRO B 243 -9.55 6.20 15.01
C PRO B 243 -8.44 5.19 15.25
N GLY B 244 -7.18 5.62 15.13
CA GLY B 244 -6.05 4.68 15.20
C GLY B 244 -5.52 4.36 16.61
N GLY B 245 -6.00 5.09 17.60
CA GLY B 245 -5.65 4.84 18.99
C GLY B 245 -5.53 6.11 19.81
N ARG B 246 -4.73 6.03 20.87
CA ARG B 246 -4.70 7.04 21.91
C ARG B 246 -3.45 7.92 21.96
N LEU B 247 -3.68 9.21 22.16
CA LEU B 247 -2.60 10.11 22.52
C LEU B 247 -3.00 10.86 23.79
N ASP B 248 -1.98 11.36 24.51
CA ASP B 248 -2.26 12.20 25.64
C ASP B 248 -1.53 13.50 25.49
N ILE B 249 -2.27 14.60 25.65
CA ILE B 249 -1.73 15.96 25.39
C ILE B 249 -1.72 16.67 26.72
N ALA B 250 -0.65 17.39 27.01
CA ALA B 250 -0.55 18.17 28.25
C ALA B 250 -0.19 19.58 27.83
N TRP B 251 -0.96 20.57 28.32
CA TRP B 251 -0.68 21.96 28.00
C TRP B 251 -1.17 22.88 29.09
N LYS B 252 -0.24 23.62 29.68
CA LYS B 252 -0.57 24.58 30.77
C LYS B 252 -1.01 25.92 30.24
N GLY B 253 -1.10 26.04 28.91
CA GLY B 253 -1.65 27.26 28.36
C GLY B 253 -0.62 28.23 27.80
N PRO B 254 -1.11 29.41 27.33
CA PRO B 254 -0.20 30.39 26.69
C PRO B 254 1.02 30.68 27.58
N GLY B 255 2.18 30.80 26.96
CA GLY B 255 3.43 30.91 27.71
C GLY B 255 4.11 29.55 27.91
N HIS B 256 3.39 28.45 27.67
CA HIS B 256 3.94 27.09 27.85
C HIS B 256 4.05 26.31 26.56
N PRO B 257 5.06 25.40 26.45
CA PRO B 257 5.05 24.41 25.38
C PRO B 257 3.95 23.37 25.64
N LEU B 258 3.45 22.79 24.56
CA LEU B 258 2.47 21.71 24.63
C LEU B 258 3.22 20.37 24.42
N TYR B 259 2.82 19.33 25.15
CA TYR B 259 3.49 18.02 25.11
C TYR B 259 2.51 16.98 24.59
N MET B 260 3.00 16.09 23.73
CA MET B 260 2.21 15.03 23.18
C MET B 260 2.90 13.70 23.55
N THR B 261 2.15 12.79 24.15
CA THR B 261 2.70 11.47 24.48
C THR B 261 1.95 10.41 23.75
N GLY B 262 2.67 9.48 23.11
CA GLY B 262 1.99 8.42 22.37
C GLY B 262 2.88 7.25 22.02
N PRO B 263 2.31 6.18 21.45
CA PRO B 263 3.04 4.95 21.13
C PRO B 263 3.82 5.04 19.81
N ALA B 264 4.77 4.13 19.60
CA ALA B 264 5.31 3.92 18.27
C ALA B 264 5.48 2.40 18.18
N VAL B 265 5.02 1.79 17.09
CA VAL B 265 5.03 0.33 17.01
C VAL B 265 6.12 -0.08 16.06
N HIS B 266 6.87 -1.08 16.45
CA HIS B 266 7.92 -1.65 15.61
C HIS B 266 7.26 -2.84 14.91
N VAL B 267 7.05 -2.73 13.60
CA VAL B 267 6.35 -3.79 12.84
C VAL B 267 7.30 -4.92 12.41
N ALA B 268 8.43 -4.55 11.82
CA ALA B 268 9.31 -5.55 11.23
C ALA B 268 10.68 -4.94 10.97
N ASP B 269 11.67 -5.81 10.79
CA ASP B 269 12.96 -5.35 10.32
C ASP B 269 13.13 -5.93 8.94
N GLY B 270 14.02 -5.35 8.14
CA GLY B 270 14.33 -5.93 6.85
C GLY B 270 15.66 -5.50 6.26
N PHE B 271 15.92 -6.05 5.07
CA PHE B 271 17.10 -5.74 4.31
C PHE B 271 16.69 -5.60 2.86
N ILE B 272 17.16 -4.54 2.22
CA ILE B 272 16.94 -4.36 0.83
C ILE B 272 18.29 -4.23 0.12
N HIS B 273 18.49 -5.03 -0.91
CA HIS B 273 19.72 -5.14 -1.68
C HIS B 273 19.74 -3.96 -2.63
N LEU B 274 20.57 -2.96 -2.33
CA LEU B 274 20.60 -1.71 -3.13
C LEU B 274 21.90 -1.55 -3.89
N HIS B 275 22.95 -2.25 -3.40
CA HIS B 275 24.31 -2.28 -4.00
C HIS B 275 24.94 -0.93 -4.22
I IOD C . 4.11 -14.32 -9.97
I IOD D . -22.12 -18.11 -31.95
I IOD E . 1.82 -11.28 -14.03
I IOD F . -12.44 -0.14 -27.78
I IOD G . 5.44 -1.75 -26.53
I IOD H . -2.09 2.25 1.14
I IOD I . 5.69 9.07 15.20
I IOD J . -13.17 37.53 12.89
I IOD K . 0.19 10.22 15.54
I IOD L . -20.58 18.18 11.52
I IOD M . 18.18 19.81 23.14
I IOD N . -13.53 6.77 23.50
I IOD O . -1.81 0.35 -2.30
#